data_6GL9
#
_entry.id   6GL9
#
_cell.length_a   42.020
_cell.length_b   50.424
_cell.length_c   61.588
_cell.angle_alpha   91.93
_cell.angle_beta   90.03
_cell.angle_gamma   92.80
#
_symmetry.space_group_name_H-M   'P 1'
#
loop_
_entity.id
_entity.type
_entity.pdbx_description
1 polymer 'Tyrosine-protein kinase JAK3'
2 non-polymer (~{E})-3-[3-(3-cyclohexyl-3,5,8,10-tetrazatricyclo[7.3.0.0^{2,6}]dodeca-1(9),2(6),4,7,11-pentaen-4-yl)phenyl]prop-2-enenitrile
3 non-polymer 1-phenylurea
4 non-polymer GLYCEROL
5 non-polymer 1,2-ETHANEDIOL
6 water water
#
_entity_poly.entity_id   1
_entity_poly.type   'polypeptide(L)'
_entity_poly.pdbx_seq_one_letter_code
;SMQDPTIFEERHLKYISQLGKGNFGSVELCRYDPLGDNTGALVAVKQLQHSGPDQQRDFQREIQILKALHSDFIVKYRGV
SYGPGRQSLRLVMEYLPSGCLRDFLQRHRARLDASRLLLYSSQICKGMEYLGSRRCVHRALAARNILVESEAHVKIADFG
LAKLLPLDKDYYVVREPGQSPIFWYAPESLSDNIFSRQSDVWSFGVVLYELFTYCDKSCSPSAEFLRMMGSERDVPALSR
LLELLEEGQRLPAPPACPAEVHELMKLCWAPSPQDRPSFSALGPQLDMLWSGSR
;
_entity_poly.pdbx_strand_id   A,B
#
# COMPACT_ATOMS: atom_id res chain seq x y z
N GLN A 3 6.12 -38.79 21.39
CA GLN A 3 5.27 -37.57 21.23
C GLN A 3 4.92 -37.32 19.79
N ASP A 4 3.90 -36.50 19.59
CA ASP A 4 3.30 -36.24 18.29
C ASP A 4 4.28 -35.92 17.14
N PRO A 5 3.96 -36.41 15.93
CA PRO A 5 4.78 -36.10 14.75
C PRO A 5 4.71 -34.63 14.31
N THR A 6 3.84 -33.83 14.95
CA THR A 6 3.62 -32.43 14.61
C THR A 6 4.57 -31.42 15.35
N ILE A 7 5.46 -31.93 16.22
CA ILE A 7 6.45 -31.05 16.83
C ILE A 7 7.80 -31.34 16.21
N PHE A 8 8.34 -30.37 15.51
CA PHE A 8 9.63 -30.45 14.87
C PHE A 8 10.60 -29.70 15.78
N GLU A 9 11.63 -30.38 16.22
CA GLU A 9 12.68 -29.72 16.97
C GLU A 9 13.47 -28.69 16.15
N GLU A 10 13.51 -27.46 16.66
CA GLU A 10 14.22 -26.35 16.02
CA GLU A 10 14.22 -26.35 16.03
C GLU A 10 15.65 -26.69 15.68
N ARG A 11 16.36 -27.33 16.62
CA ARG A 11 17.80 -27.63 16.38
C ARG A 11 18.02 -28.58 15.19
N HIS A 12 16.99 -29.32 14.77
CA HIS A 12 17.08 -30.25 13.65
C HIS A 12 16.63 -29.69 12.31
N LEU A 13 16.14 -28.48 12.27
CA LEU A 13 15.75 -27.83 11.02
C LEU A 13 16.92 -27.11 10.39
N LYS A 14 17.39 -27.61 9.24
CA LYS A 14 18.53 -27.06 8.50
C LYS A 14 18.15 -26.25 7.27
N TYR A 15 18.33 -24.92 7.38
CA TYR A 15 18.07 -23.98 6.29
C TYR A 15 18.81 -24.36 4.99
N ILE A 16 18.07 -24.28 3.89
CA ILE A 16 18.54 -24.47 2.54
C ILE A 16 18.42 -23.25 1.63
N SER A 17 17.19 -22.77 1.45
CA SER A 17 16.96 -21.64 0.54
C SER A 17 15.63 -21.02 0.83
N GLN A 18 15.40 -19.87 0.21
CA GLN A 18 14.13 -19.16 0.32
C GLN A 18 13.15 -19.60 -0.76
N LEU A 19 11.92 -19.78 -0.36
CA LEU A 19 10.83 -20.08 -1.29
C LEU A 19 9.90 -18.88 -1.58
N GLY A 20 9.73 -18.02 -0.60
CA GLY A 20 8.79 -16.89 -0.71
C GLY A 20 9.12 -15.91 0.39
N LYS A 21 8.83 -14.64 0.14
CA LYS A 21 8.99 -13.65 1.17
C LYS A 21 7.88 -12.62 1.02
N GLY A 22 7.47 -12.09 2.16
CA GLY A 22 6.60 -10.92 2.22
C GLY A 22 7.24 -9.89 3.13
N ASN A 23 6.50 -8.83 3.43
CA ASN A 23 7.00 -7.79 4.32
C ASN A 23 7.26 -8.28 5.73
N PHE A 24 6.49 -9.29 6.18
CA PHE A 24 6.50 -9.73 7.58
C PHE A 24 6.89 -11.19 7.77
N GLY A 25 7.16 -11.92 6.68
CA GLY A 25 7.60 -13.31 6.86
C GLY A 25 8.25 -13.89 5.63
N SER A 26 8.75 -15.10 5.81
CA SER A 26 9.35 -15.84 4.70
C SER A 26 9.02 -17.31 4.85
N VAL A 27 8.98 -17.98 3.70
CA VAL A 27 8.91 -19.43 3.63
C VAL A 27 10.27 -19.91 3.07
N GLU A 28 10.86 -20.84 3.81
CA GLU A 28 12.20 -21.36 3.55
C GLU A 28 12.13 -22.85 3.34
N LEU A 29 12.91 -23.32 2.38
CA LEU A 29 13.14 -24.72 2.25
C LEU A 29 14.13 -25.12 3.32
N CYS A 30 13.79 -26.19 4.03
CA CYS A 30 14.65 -26.71 5.10
C CYS A 30 14.67 -28.22 5.05
N ARG A 31 15.73 -28.82 5.59
CA ARG A 31 15.75 -30.24 5.80
C ARG A 31 15.48 -30.44 7.28
N TYR A 32 14.55 -31.35 7.60
CA TYR A 32 14.38 -31.80 8.97
C TYR A 32 15.29 -32.99 9.13
N ASP A 33 16.33 -32.82 9.93
CA ASP A 33 17.46 -33.81 9.91
C ASP A 33 17.82 -34.25 11.33
N PRO A 34 16.91 -34.97 12.02
CA PRO A 34 17.21 -35.43 13.40
C PRO A 34 18.39 -36.38 13.53
N LEU A 35 18.68 -37.12 12.48
CA LEU A 35 19.86 -38.01 12.49
C LEU A 35 21.17 -37.27 12.25
N GLY A 36 21.15 -36.06 11.68
CA GLY A 36 22.33 -35.23 11.57
C GLY A 36 23.26 -35.60 10.40
N ASP A 37 22.81 -36.50 9.52
CA ASP A 37 23.64 -36.95 8.41
C ASP A 37 23.21 -36.42 7.05
N ASN A 38 22.38 -35.37 7.05
CA ASN A 38 21.83 -34.79 5.81
C ASN A 38 20.94 -35.73 4.98
N THR A 39 20.27 -36.69 5.63
CA THR A 39 19.29 -37.62 4.97
C THR A 39 17.81 -37.35 5.25
N GLY A 40 17.53 -36.39 6.11
CA GLY A 40 16.16 -36.07 6.46
C GLY A 40 15.29 -35.52 5.36
N ALA A 41 13.98 -35.53 5.61
CA ALA A 41 12.98 -35.00 4.70
C ALA A 41 13.14 -33.50 4.49
N LEU A 42 12.78 -33.07 3.31
CA LEU A 42 12.65 -31.63 3.03
C LEU A 42 11.24 -31.12 3.37
N VAL A 43 11.17 -29.90 3.93
CA VAL A 43 9.93 -29.31 4.34
C VAL A 43 10.06 -27.83 4.04
N ALA A 44 8.92 -27.16 3.99
CA ALA A 44 8.83 -25.75 3.84
C ALA A 44 8.46 -25.18 5.11
N VAL A 45 9.19 -24.14 5.56
CA VAL A 45 9.01 -23.63 6.92
C VAL A 45 8.73 -22.16 6.83
N LYS A 46 7.63 -21.73 7.38
CA LYS A 46 7.37 -20.30 7.51
C LYS A 46 7.77 -19.76 8.89
N GLN A 47 8.33 -18.56 8.83
CA GLN A 47 8.70 -17.78 10.02
C GLN A 47 8.49 -16.30 9.78
N LEU A 48 8.27 -15.55 10.86
CA LEU A 48 8.11 -14.09 10.72
C LEU A 48 9.43 -13.30 10.80
N GLN A 49 9.48 -12.14 10.15
CA GLN A 49 10.48 -11.09 10.39
C GLN A 49 9.75 -9.75 10.55
N HIS A 50 10.38 -8.82 11.27
CA HIS A 50 9.79 -7.48 11.52
C HIS A 50 8.38 -7.62 12.10
N SER A 51 8.21 -8.57 13.01
CA SER A 51 6.88 -8.94 13.45
C SER A 51 6.56 -8.27 14.78
N GLY A 52 5.46 -7.54 14.79
CA GLY A 52 4.88 -7.06 16.03
C GLY A 52 3.77 -8.00 16.49
N PRO A 53 3.14 -7.70 17.63
CA PRO A 53 2.07 -8.52 18.20
C PRO A 53 0.97 -8.86 17.18
N ASP A 54 0.60 -7.91 16.34
CA ASP A 54 -0.44 -8.17 15.35
C ASP A 54 -0.05 -9.27 14.36
N GLN A 55 1.19 -9.23 13.88
CA GLN A 55 1.67 -10.20 12.92
C GLN A 55 1.80 -11.56 13.57
N GLN A 56 2.28 -11.58 14.81
CA GLN A 56 2.37 -12.81 15.60
C GLN A 56 0.99 -13.42 15.84
N ARG A 57 0.02 -12.56 16.14
CA ARG A 57 -1.35 -13.05 16.35
C ARG A 57 -1.93 -13.58 15.06
N ASP A 58 -1.67 -12.92 13.94
CA ASP A 58 -2.16 -13.45 12.68
C ASP A 58 -1.50 -14.80 12.35
N PHE A 59 -0.25 -14.94 12.76
CA PHE A 59 0.53 -16.15 12.36
C PHE A 59 -0.05 -17.34 13.14
N GLN A 60 -0.37 -17.09 14.40
CA GLN A 60 -1.09 -18.10 15.22
C GLN A 60 -2.39 -18.57 14.55
N ARG A 61 -3.11 -17.61 13.98
CA ARG A 61 -4.34 -17.85 13.23
CA ARG A 61 -4.34 -17.86 13.23
C ARG A 61 -4.07 -18.73 11.99
N GLU A 62 -3.05 -18.36 11.24
CA GLU A 62 -2.68 -19.06 10.04
C GLU A 62 -2.40 -20.52 10.28
N ILE A 63 -1.62 -20.76 11.34
CA ILE A 63 -1.25 -22.12 11.79
C ILE A 63 -2.50 -22.94 12.13
N GLN A 64 -3.41 -22.36 12.90
CA GLN A 64 -4.57 -23.09 13.39
C GLN A 64 -5.52 -23.37 12.21
N ILE A 65 -5.63 -22.44 11.26
CA ILE A 65 -6.41 -22.69 10.07
C ILE A 65 -5.81 -23.84 9.24
N LEU A 66 -4.56 -23.70 8.87
CA LEU A 66 -3.94 -24.72 7.97
C LEU A 66 -3.97 -26.12 8.58
N LYS A 67 -3.71 -26.22 9.89
CA LYS A 67 -3.72 -27.50 10.58
C LYS A 67 -5.06 -28.23 10.50
N ALA A 68 -6.15 -27.46 10.45
CA ALA A 68 -7.48 -27.98 10.42
C ALA A 68 -7.99 -28.30 9.02
N LEU A 69 -7.22 -27.97 7.97
CA LEU A 69 -7.63 -28.30 6.60
C LEU A 69 -7.03 -29.61 6.08
N HIS A 70 -7.90 -30.43 5.51
CA HIS A 70 -7.54 -31.73 4.98
C HIS A 70 -8.15 -31.89 3.61
N SER A 71 -7.48 -31.31 2.62
CA SER A 71 -7.94 -31.32 1.23
C SER A 71 -6.76 -31.69 0.35
N ASP A 72 -7.06 -32.44 -0.72
CA ASP A 72 -6.10 -32.72 -1.77
C ASP A 72 -5.59 -31.46 -2.50
N PHE A 73 -6.35 -30.34 -2.44
CA PHE A 73 -6.04 -29.14 -3.18
C PHE A 73 -5.64 -27.98 -2.32
N ILE A 74 -5.22 -28.27 -1.07
CA ILE A 74 -4.71 -27.28 -0.15
C ILE A 74 -3.36 -27.87 0.40
N VAL A 75 -2.32 -27.03 0.40
CA VAL A 75 -0.98 -27.39 0.86
C VAL A 75 -1.04 -27.95 2.30
N LYS A 76 -0.31 -29.04 2.53
CA LYS A 76 -0.44 -29.78 3.75
C LYS A 76 0.39 -29.21 4.91
N TYR A 77 -0.29 -28.97 6.02
CA TYR A 77 0.35 -28.74 7.29
C TYR A 77 1.07 -29.96 7.81
N ARG A 78 2.27 -29.76 8.31
CA ARG A 78 3.00 -30.86 8.95
C ARG A 78 3.19 -30.69 10.45
N GLY A 79 3.43 -29.46 10.88
CA GLY A 79 3.70 -29.22 12.27
C GLY A 79 4.21 -27.85 12.57
N VAL A 80 4.66 -27.67 13.80
CA VAL A 80 5.28 -26.44 14.20
C VAL A 80 6.64 -26.75 14.79
N SER A 81 7.42 -25.69 14.88
CA SER A 81 8.58 -25.64 15.71
C SER A 81 8.62 -24.38 16.59
N TYR A 82 9.41 -24.44 17.64
CA TYR A 82 9.65 -23.28 18.51
C TYR A 82 10.93 -23.44 19.27
N GLY A 83 11.27 -22.43 20.05
CA GLY A 83 12.48 -22.48 20.83
C GLY A 83 12.48 -21.29 21.73
N PRO A 84 13.60 -21.10 22.44
CA PRO A 84 13.71 -20.01 23.39
C PRO A 84 13.48 -18.64 22.74
N GLY A 85 12.86 -17.74 23.49
CA GLY A 85 12.76 -16.37 23.04
C GLY A 85 11.62 -16.20 22.03
N ARG A 86 11.53 -15.01 21.42
CA ARG A 86 10.36 -14.58 20.67
C ARG A 86 10.62 -14.71 19.17
N GLN A 87 9.55 -14.62 18.38
CA GLN A 87 9.64 -14.74 16.92
C GLN A 87 10.21 -16.11 16.42
N SER A 88 10.35 -17.09 17.31
CA SER A 88 10.92 -18.39 16.98
C SER A 88 9.87 -19.43 16.55
N LEU A 89 8.57 -19.08 16.63
CA LEU A 89 7.50 -19.97 16.19
C LEU A 89 7.61 -20.19 14.67
N ARG A 90 7.57 -21.43 14.26
CA ARG A 90 7.66 -21.73 12.85
C ARG A 90 6.50 -22.65 12.46
N LEU A 91 6.05 -22.47 11.22
CA LEU A 91 5.04 -23.33 10.60
C LEU A 91 5.71 -24.23 9.60
N VAL A 92 5.59 -25.54 9.82
CA VAL A 92 6.19 -26.53 8.95
C VAL A 92 5.12 -27.07 8.01
N MET A 93 5.40 -27.05 6.69
CA MET A 93 4.50 -27.58 5.69
C MET A 93 5.23 -28.51 4.73
N GLU A 94 4.43 -29.21 3.93
CA GLU A 94 5.00 -30.01 2.87
C GLU A 94 5.73 -29.07 1.87
N TYR A 95 6.79 -29.60 1.27
CA TYR A 95 7.52 -28.91 0.22
C TYR A 95 7.18 -29.53 -1.14
N LEU A 96 6.80 -28.63 -2.08
CA LEU A 96 6.42 -29.01 -3.45
CA LEU A 96 6.42 -29.01 -3.45
C LEU A 96 7.48 -28.50 -4.43
N PRO A 97 8.44 -29.40 -4.82
CA PRO A 97 9.59 -28.90 -5.58
C PRO A 97 9.28 -28.33 -6.95
N SER A 98 8.14 -28.63 -7.52
CA SER A 98 7.75 -28.12 -8.87
C SER A 98 7.41 -26.64 -8.86
N GLY A 99 7.14 -26.10 -7.69
CA GLY A 99 7.00 -24.66 -7.47
C GLY A 99 5.59 -24.16 -7.77
N CYS A 100 5.46 -22.90 -8.12
CA CYS A 100 4.17 -22.29 -8.25
C CYS A 100 3.64 -22.42 -9.65
N LEU A 101 2.32 -22.37 -9.73
CA LEU A 101 1.62 -22.50 -11.03
C LEU A 101 1.90 -21.35 -12.03
N ARG A 102 2.11 -20.12 -11.49
CA ARG A 102 2.44 -18.99 -12.33
CA ARG A 102 2.44 -18.97 -12.33
C ARG A 102 3.72 -19.27 -13.12
N ASP A 103 4.73 -19.75 -12.43
CA ASP A 103 6.00 -20.08 -13.11
C ASP A 103 5.89 -21.28 -14.04
N PHE A 104 5.09 -22.25 -13.63
CA PHE A 104 4.88 -23.49 -14.41
C PHE A 104 4.19 -23.19 -15.73
N LEU A 105 3.16 -22.35 -15.68
CA LEU A 105 2.48 -21.97 -16.96
C LEU A 105 3.37 -21.18 -17.89
N GLN A 106 4.22 -20.31 -17.36
CA GLN A 106 5.11 -19.50 -18.20
C GLN A 106 6.18 -20.43 -18.83
N ARG A 107 6.68 -21.35 -18.04
CA ARG A 107 7.74 -22.28 -18.54
C ARG A 107 7.18 -23.27 -19.58
N HIS A 108 6.03 -23.87 -19.28
CA HIS A 108 5.45 -24.94 -20.10
C HIS A 108 4.27 -24.61 -21.00
N ARG A 109 3.96 -23.31 -21.15
CA ARG A 109 2.85 -22.82 -21.98
C ARG A 109 2.59 -23.64 -23.24
N ALA A 110 3.66 -23.88 -23.99
CA ALA A 110 3.50 -24.42 -25.35
C ALA A 110 3.01 -25.88 -25.32
N ARG A 111 3.15 -26.58 -24.20
CA ARG A 111 2.60 -27.95 -24.12
C ARG A 111 1.40 -28.14 -23.19
N LEU A 112 0.73 -27.07 -22.80
CA LEU A 112 -0.39 -27.20 -21.86
C LEU A 112 -1.62 -26.73 -22.61
N ASP A 113 -2.57 -27.64 -22.86
CA ASP A 113 -3.76 -27.28 -23.63
C ASP A 113 -4.84 -26.75 -22.71
N ALA A 114 -5.94 -26.30 -23.31
CA ALA A 114 -7.11 -25.82 -22.56
C ALA A 114 -7.67 -26.88 -21.60
N SER A 115 -7.66 -28.14 -21.98
CA SER A 115 -8.04 -29.24 -21.09
C SER A 115 -7.32 -29.23 -19.74
N ARG A 116 -5.98 -29.15 -19.80
CA ARG A 116 -5.20 -29.10 -18.61
C ARG A 116 -5.48 -27.81 -17.80
N LEU A 117 -5.68 -26.68 -18.49
CA LEU A 117 -5.99 -25.44 -17.75
C LEU A 117 -7.34 -25.59 -17.01
N LEU A 118 -8.29 -26.28 -17.68
CA LEU A 118 -9.60 -26.59 -17.07
C LEU A 118 -9.49 -27.50 -15.87
N LEU A 119 -8.63 -28.50 -15.95
CA LEU A 119 -8.28 -29.30 -14.80
C LEU A 119 -7.77 -28.46 -13.62
N TYR A 120 -6.80 -27.57 -13.86
CA TYR A 120 -6.26 -26.72 -12.76
C TYR A 120 -7.38 -25.89 -12.13
N SER A 121 -8.21 -25.33 -12.99
CA SER A 121 -9.31 -24.44 -12.58
C SER A 121 -10.29 -25.19 -11.68
N SER A 122 -10.56 -26.43 -12.05
CA SER A 122 -11.53 -27.25 -11.33
C SER A 122 -10.89 -27.61 -9.97
N GLN A 123 -9.60 -27.96 -9.95
CA GLN A 123 -8.92 -28.24 -8.66
C GLN A 123 -8.87 -27.07 -7.72
N ILE A 124 -8.50 -25.93 -8.24
CA ILE A 124 -8.49 -24.67 -7.43
C ILE A 124 -9.90 -24.40 -6.90
N CYS A 125 -10.90 -24.54 -7.76
CA CYS A 125 -12.29 -24.33 -7.31
C CYS A 125 -12.70 -25.29 -6.18
N LYS A 126 -12.29 -26.56 -6.27
CA LYS A 126 -12.59 -27.51 -5.22
C LYS A 126 -11.91 -27.13 -3.91
N GLY A 127 -10.67 -26.67 -3.99
CA GLY A 127 -9.94 -26.23 -2.80
C GLY A 127 -10.67 -25.05 -2.15
N MET A 128 -11.12 -24.11 -2.97
CA MET A 128 -11.94 -22.96 -2.48
C MET A 128 -13.30 -23.33 -2.00
N GLU A 129 -13.96 -24.35 -2.59
CA GLU A 129 -15.20 -24.91 -2.00
C GLU A 129 -14.94 -25.44 -0.61
N TYR A 130 -13.84 -26.19 -0.46
CA TYR A 130 -13.48 -26.74 0.86
C TYR A 130 -13.26 -25.60 1.87
N LEU A 131 -12.45 -24.61 1.51
CA LEU A 131 -12.32 -23.41 2.39
C LEU A 131 -13.65 -22.77 2.75
N GLY A 132 -14.54 -22.64 1.78
CA GLY A 132 -15.87 -22.03 1.97
C GLY A 132 -16.69 -22.77 2.99
N SER A 133 -16.62 -24.10 2.99
CA SER A 133 -17.35 -24.92 3.96
C SER A 133 -16.87 -24.75 5.38
N ARG A 134 -15.63 -24.32 5.55
CA ARG A 134 -14.99 -24.05 6.84
C ARG A 134 -15.06 -22.56 7.14
N ARG A 135 -15.75 -21.82 6.28
CA ARG A 135 -15.99 -20.36 6.53
C ARG A 135 -14.69 -19.54 6.55
N CYS A 136 -13.75 -19.95 5.70
CA CYS A 136 -12.44 -19.34 5.60
C CYS A 136 -12.37 -18.52 4.33
N VAL A 137 -11.93 -17.27 4.48
CA VAL A 137 -11.72 -16.40 3.36
C VAL A 137 -10.23 -16.38 3.16
N HIS A 138 -9.75 -16.75 1.97
CA HIS A 138 -8.33 -16.91 1.74
C HIS A 138 -7.61 -15.55 1.51
N ARG A 139 -8.15 -14.69 0.63
CA ARG A 139 -7.66 -13.29 0.45
C ARG A 139 -6.33 -13.12 -0.34
N ALA A 140 -5.74 -14.19 -0.77
CA ALA A 140 -4.50 -14.15 -1.56
C ALA A 140 -4.52 -15.14 -2.72
N LEU A 141 -5.69 -15.40 -3.26
N LEU A 141 -5.69 -15.40 -3.26
CA LEU A 141 -5.85 -16.38 -4.32
CA LEU A 141 -5.82 -16.35 -4.34
C LEU A 141 -5.26 -15.78 -5.59
C LEU A 141 -5.25 -15.76 -5.58
N ALA A 142 -4.15 -16.35 -6.03
CA ALA A 142 -3.43 -15.88 -7.24
C ALA A 142 -2.54 -17.05 -7.69
N ALA A 143 -2.27 -17.12 -8.98
CA ALA A 143 -1.44 -18.21 -9.50
C ALA A 143 -0.07 -18.34 -8.80
N ARG A 144 0.53 -17.24 -8.38
CA ARG A 144 1.79 -17.29 -7.63
C ARG A 144 1.69 -18.04 -6.29
N ASN A 145 0.47 -18.18 -5.75
CA ASN A 145 0.24 -18.89 -4.48
C ASN A 145 -0.38 -20.27 -4.65
N ILE A 146 -0.43 -20.77 -5.90
CA ILE A 146 -0.93 -22.08 -6.19
C ILE A 146 0.30 -22.93 -6.49
N LEU A 147 0.40 -24.12 -5.89
CA LEU A 147 1.60 -24.97 -6.06
C LEU A 147 1.32 -26.11 -7.01
N VAL A 148 2.37 -26.62 -7.67
CA VAL A 148 2.24 -27.74 -8.57
C VAL A 148 2.79 -28.97 -7.82
N GLU A 149 1.88 -29.88 -7.51
CA GLU A 149 2.19 -31.17 -6.93
C GLU A 149 2.69 -32.09 -8.00
N SER A 150 2.02 -32.08 -9.16
CA SER A 150 2.45 -32.81 -10.35
C SER A 150 1.82 -32.06 -11.51
N GLU A 151 2.09 -32.50 -12.74
CA GLU A 151 1.59 -31.77 -13.89
C GLU A 151 0.06 -31.74 -13.93
N ALA A 152 -0.63 -32.67 -13.27
CA ALA A 152 -2.10 -32.73 -13.25
C ALA A 152 -2.66 -32.59 -11.81
N HIS A 153 -1.96 -31.85 -10.96
CA HIS A 153 -2.42 -31.68 -9.58
C HIS A 153 -1.79 -30.44 -8.94
N VAL A 154 -2.68 -29.51 -8.60
CA VAL A 154 -2.33 -28.24 -7.93
C VAL A 154 -2.96 -28.13 -6.59
N LYS A 155 -2.34 -27.30 -5.75
CA LYS A 155 -2.76 -27.08 -4.38
C LYS A 155 -2.64 -25.59 -4.05
N ILE A 156 -3.56 -25.08 -3.22
CA ILE A 156 -3.57 -23.74 -2.80
C ILE A 156 -2.63 -23.60 -1.58
N ALA A 157 -1.84 -22.55 -1.63
CA ALA A 157 -0.89 -22.16 -0.59
C ALA A 157 -1.09 -20.71 -0.12
N ASP A 158 -0.13 -20.20 0.64
CA ASP A 158 -0.14 -18.88 1.20
C ASP A 158 -1.42 -18.51 1.90
N PHE A 159 -1.53 -18.94 3.13
CA PHE A 159 -2.67 -18.62 4.00
C PHE A 159 -2.34 -17.48 4.94
N GLY A 160 -1.31 -16.66 4.60
CA GLY A 160 -0.88 -15.54 5.47
C GLY A 160 -1.96 -14.48 5.74
N LEU A 161 -2.91 -14.37 4.81
CA LEU A 161 -4.00 -13.41 4.98
C LEU A 161 -5.35 -14.06 5.30
N ALA A 162 -5.40 -15.39 5.41
CA ALA A 162 -6.69 -16.11 5.58
C ALA A 162 -7.32 -15.79 6.92
N LYS A 163 -8.65 -15.74 6.90
CA LYS A 163 -9.41 -15.43 8.08
CA LYS A 163 -9.40 -15.41 8.09
C LYS A 163 -10.74 -16.14 8.10
N LEU A 164 -11.15 -16.54 9.31
CA LEU A 164 -12.44 -17.16 9.47
C LEU A 164 -13.51 -16.10 9.59
N LEU A 165 -14.62 -16.37 8.91
CA LEU A 165 -15.81 -15.59 9.16
C LEU A 165 -16.35 -15.85 10.55
N PRO A 166 -16.94 -14.84 11.18
CA PRO A 166 -17.66 -15.16 12.43
C PRO A 166 -18.82 -16.12 12.15
N LEU A 167 -19.32 -16.79 13.17
CA LEU A 167 -20.45 -17.71 12.98
C LEU A 167 -21.72 -16.99 12.57
N ASP A 168 -21.87 -15.72 12.92
CA ASP A 168 -23.10 -14.95 12.65
C ASP A 168 -23.05 -13.86 11.54
N LYS A 169 -22.00 -13.88 10.70
CA LYS A 169 -21.81 -12.86 9.67
CA LYS A 169 -21.80 -12.85 9.67
C LYS A 169 -21.09 -13.53 8.51
N ASP A 170 -21.48 -13.22 7.28
CA ASP A 170 -20.81 -13.81 6.10
C ASP A 170 -19.76 -12.87 5.49
N TYR A 171 -19.31 -11.86 6.24
CA TYR A 171 -18.19 -11.06 5.78
C TYR A 171 -17.38 -10.60 6.96
N TYR A 172 -16.22 -10.05 6.70
CA TYR A 172 -15.52 -9.29 7.75
C TYR A 172 -14.89 -8.06 7.16
N VAL A 173 -14.46 -7.19 8.03
CA VAL A 173 -13.90 -5.92 7.65
C VAL A 173 -12.54 -5.82 8.30
N VAL A 174 -11.58 -5.33 7.53
CA VAL A 174 -10.26 -5.01 8.06
C VAL A 174 -10.03 -3.51 8.12
N ARG A 175 -9.04 -3.08 8.89
CA ARG A 175 -8.58 -1.69 8.85
C ARG A 175 -7.75 -1.54 7.57
N GLU A 176 -7.60 -0.30 7.07
CA GLU A 176 -6.87 -0.03 5.80
C GLU A 176 -5.45 -0.62 5.89
N PRO A 177 -5.25 -1.85 5.32
CA PRO A 177 -4.09 -2.67 5.76
C PRO A 177 -2.73 -2.28 5.13
N GLY A 178 -1.73 -3.15 5.31
CA GLY A 178 -0.58 -3.23 4.41
C GLY A 178 -0.98 -3.60 2.98
N GLN A 179 0.00 -4.04 2.19
CA GLN A 179 -0.08 -4.07 0.69
C GLN A 179 -0.91 -5.19 0.01
N SER A 180 -1.97 -4.83 -0.72
CA SER A 180 -2.83 -5.78 -1.47
C SER A 180 -2.48 -5.86 -2.98
N PRO A 181 -2.71 -7.02 -3.62
CA PRO A 181 -2.60 -7.17 -5.07
C PRO A 181 -3.86 -6.61 -5.74
N ILE A 182 -3.80 -5.31 -6.07
CA ILE A 182 -5.07 -4.59 -6.37
C ILE A 182 -5.81 -5.21 -7.52
N PHE A 183 -5.10 -5.78 -8.50
CA PHE A 183 -5.81 -6.32 -9.68
C PHE A 183 -6.48 -7.65 -9.51
N TRP A 184 -6.38 -8.24 -8.30
CA TRP A 184 -7.00 -9.50 -7.96
C TRP A 184 -8.18 -9.30 -7.01
N TYR A 185 -8.36 -8.05 -6.53
CA TYR A 185 -9.27 -7.80 -5.39
C TYR A 185 -10.61 -7.29 -5.83
N ALA A 186 -11.66 -7.72 -5.11
CA ALA A 186 -13.03 -7.28 -5.37
C ALA A 186 -13.16 -5.78 -5.09
N PRO A 187 -14.02 -5.08 -5.82
CA PRO A 187 -14.14 -3.61 -5.63
C PRO A 187 -14.56 -3.26 -4.20
N GLU A 188 -15.43 -4.06 -3.59
CA GLU A 188 -15.82 -3.77 -2.18
C GLU A 188 -14.66 -3.95 -1.24
N SER A 189 -13.72 -4.83 -1.60
CA SER A 189 -12.56 -5.01 -0.74
C SER A 189 -11.69 -3.79 -0.86
N LEU A 190 -11.49 -3.33 -2.08
CA LEU A 190 -10.65 -2.18 -2.35
C LEU A 190 -11.20 -0.94 -1.75
N SER A 191 -12.50 -0.75 -1.87
CA SER A 191 -13.09 0.51 -1.51
C SER A 191 -13.47 0.57 -0.04
N ASP A 192 -13.94 -0.54 0.51
CA ASP A 192 -14.46 -0.56 1.87
C ASP A 192 -13.90 -1.61 2.81
N ASN A 193 -12.84 -2.30 2.38
CA ASN A 193 -12.18 -3.34 3.20
C ASN A 193 -13.12 -4.47 3.64
N ILE A 194 -14.11 -4.79 2.79
CA ILE A 194 -15.02 -5.88 3.05
C ILE A 194 -14.52 -7.12 2.32
N PHE A 195 -14.39 -8.22 3.08
CA PHE A 195 -13.95 -9.50 2.53
C PHE A 195 -14.98 -10.56 2.88
N SER A 196 -15.11 -11.51 1.97
CA SER A 196 -16.11 -12.57 2.11
C SER A 196 -15.69 -13.68 1.18
N ARG A 197 -16.44 -14.76 1.21
CA ARG A 197 -16.26 -15.82 0.22
C ARG A 197 -16.48 -15.33 -1.22
N GLN A 198 -17.38 -14.38 -1.34
CA GLN A 198 -17.73 -13.79 -2.61
CA GLN A 198 -17.72 -13.78 -2.62
C GLN A 198 -16.62 -12.83 -3.14
N SER A 199 -15.81 -12.25 -2.26
CA SER A 199 -14.68 -11.45 -2.70
C SER A 199 -13.56 -12.42 -3.18
N ASP A 200 -13.45 -13.56 -2.52
CA ASP A 200 -12.60 -14.63 -3.06
C ASP A 200 -13.04 -15.11 -4.47
N VAL A 201 -14.34 -15.17 -4.73
CA VAL A 201 -14.83 -15.56 -6.08
C VAL A 201 -14.34 -14.59 -7.16
N TRP A 202 -14.34 -13.29 -6.81
CA TRP A 202 -13.87 -12.29 -7.73
C TRP A 202 -12.37 -12.62 -8.02
N SER A 203 -11.59 -12.89 -6.97
CA SER A 203 -10.19 -13.23 -7.14
C SER A 203 -10.04 -14.47 -8.05
N PHE A 204 -10.93 -15.41 -7.89
CA PHE A 204 -10.87 -16.67 -8.68
C PHE A 204 -11.01 -16.38 -10.14
N GLY A 205 -11.92 -15.45 -10.43
CA GLY A 205 -12.06 -14.98 -11.85
C GLY A 205 -10.73 -14.49 -12.43
N VAL A 206 -9.96 -13.75 -11.64
CA VAL A 206 -8.69 -13.24 -12.08
C VAL A 206 -7.71 -14.41 -12.20
N VAL A 207 -7.86 -15.42 -11.34
CA VAL A 207 -7.05 -16.64 -11.52
C VAL A 207 -7.39 -17.35 -12.85
N LEU A 208 -8.68 -17.42 -13.20
CA LEU A 208 -8.99 -18.02 -14.48
C LEU A 208 -8.29 -17.25 -15.61
N TYR A 209 -8.30 -15.91 -15.49
CA TYR A 209 -7.67 -15.03 -16.49
C TYR A 209 -6.13 -15.38 -16.57
N GLU A 210 -5.50 -15.49 -15.44
CA GLU A 210 -4.11 -15.93 -15.39
C GLU A 210 -3.86 -17.28 -16.08
N LEU A 211 -4.69 -18.23 -15.75
CA LEU A 211 -4.59 -19.57 -16.34
C LEU A 211 -4.67 -19.47 -17.86
N PHE A 212 -5.68 -18.77 -18.37
CA PHE A 212 -5.94 -18.90 -19.82
C PHE A 212 -5.15 -17.94 -20.65
N THR A 213 -4.35 -17.08 -19.98
CA THR A 213 -3.22 -16.35 -20.59
C THR A 213 -1.86 -16.98 -20.32
N TYR A 214 -1.83 -18.09 -19.59
CA TYR A 214 -0.60 -18.80 -19.23
C TYR A 214 0.35 -17.89 -18.44
N CYS A 215 -0.23 -17.01 -17.65
CA CYS A 215 0.48 -15.94 -16.94
C CYS A 215 1.45 -15.10 -17.79
N ASP A 216 1.12 -14.94 -19.07
CA ASP A 216 1.98 -14.16 -19.92
C ASP A 216 2.08 -12.75 -19.43
N LYS A 217 3.31 -12.25 -19.29
CA LYS A 217 3.52 -10.90 -18.76
C LYS A 217 2.97 -9.77 -19.62
N SER A 218 2.95 -9.98 -20.94
CA SER A 218 2.47 -8.94 -21.86
C SER A 218 0.95 -8.74 -21.81
N CYS A 219 0.22 -9.74 -21.35
CA CYS A 219 -1.20 -9.49 -21.08
C CYS A 219 -1.64 -9.79 -19.66
N SER A 220 -0.76 -9.51 -18.71
CA SER A 220 -1.07 -9.60 -17.30
C SER A 220 -2.17 -8.59 -16.99
N PRO A 221 -2.79 -8.76 -15.84
CA PRO A 221 -3.77 -7.76 -15.46
C PRO A 221 -3.22 -6.38 -15.40
N SER A 222 -2.05 -6.24 -14.76
CA SER A 222 -1.39 -4.92 -14.74
C SER A 222 -1.10 -4.35 -16.13
N ALA A 223 -0.58 -5.19 -17.05
CA ALA A 223 -0.37 -4.76 -18.41
C ALA A 223 -1.67 -4.32 -19.15
N GLU A 224 -2.77 -5.06 -18.93
CA GLU A 224 -4.06 -4.74 -19.52
C GLU A 224 -4.61 -3.41 -18.95
N PHE A 225 -4.48 -3.22 -17.65
CA PHE A 225 -4.82 -1.93 -17.01
C PHE A 225 -4.05 -0.77 -17.68
N LEU A 226 -2.73 -0.93 -17.85
CA LEU A 226 -1.94 0.11 -18.44
C LEU A 226 -2.39 0.40 -19.86
N ARG A 227 -2.84 -0.61 -20.58
CA ARG A 227 -3.41 -0.40 -21.92
C ARG A 227 -4.76 0.29 -21.88
N MET A 228 -5.55 -0.07 -20.87
CA MET A 228 -6.89 0.51 -20.71
C MET A 228 -6.72 2.01 -20.34
N MET A 229 -5.59 2.36 -19.71
CA MET A 229 -5.21 3.75 -19.57
C MET A 229 -4.95 4.34 -20.91
N GLY A 230 -5.70 5.40 -21.18
CA GLY A 230 -5.39 6.31 -22.24
C GLY A 230 -4.09 6.93 -21.79
N SER A 231 -3.62 7.90 -22.57
CA SER A 231 -2.31 8.57 -22.41
C SER A 231 -2.13 9.31 -21.06
N GLU A 232 -3.13 9.24 -20.19
CA GLU A 232 -2.99 9.64 -18.77
C GLU A 232 -2.22 8.58 -17.96
N ARG A 233 -0.92 8.84 -17.74
CA ARG A 233 -0.03 8.01 -16.88
C ARG A 233 0.08 8.39 -15.38
N ASP A 234 -0.39 9.56 -14.98
CA ASP A 234 -0.21 9.99 -13.57
C ASP A 234 -1.46 9.90 -12.71
N VAL A 235 -2.44 9.08 -13.11
CA VAL A 235 -3.61 8.86 -12.28
C VAL A 235 -3.27 7.65 -11.42
N PRO A 236 -3.31 7.82 -10.09
CA PRO A 236 -3.18 6.70 -9.17
C PRO A 236 -3.95 5.48 -9.66
N ALA A 237 -3.24 4.38 -9.76
CA ALA A 237 -3.83 3.13 -10.27
C ALA A 237 -5.12 2.71 -9.55
N LEU A 238 -5.10 2.69 -8.21
CA LEU A 238 -6.24 2.23 -7.47
C LEU A 238 -7.48 3.06 -7.75
N SER A 239 -7.29 4.36 -7.80
CA SER A 239 -8.36 5.33 -8.05
C SER A 239 -8.97 5.02 -9.39
N ARG A 240 -8.12 4.91 -10.39
CA ARG A 240 -8.60 4.66 -11.75
C ARG A 240 -9.19 3.26 -11.99
N LEU A 241 -8.59 2.25 -11.41
CA LEU A 241 -9.13 0.91 -11.49
C LEU A 241 -10.57 0.92 -10.98
N LEU A 242 -10.77 1.57 -9.82
CA LEU A 242 -12.10 1.56 -9.20
C LEU A 242 -13.10 2.21 -10.12
N GLU A 243 -12.70 3.29 -10.79
CA GLU A 243 -13.58 3.94 -11.78
C GLU A 243 -13.89 3.01 -12.93
N LEU A 244 -12.85 2.35 -13.47
CA LEU A 244 -13.02 1.45 -14.61
C LEU A 244 -13.97 0.33 -14.24
N LEU A 245 -13.82 -0.23 -13.06
CA LEU A 245 -14.68 -1.35 -12.68
C LEU A 245 -16.10 -0.85 -12.52
N GLU A 246 -16.26 0.36 -12.00
CA GLU A 246 -17.60 0.88 -11.78
C GLU A 246 -18.30 1.09 -13.14
N GLU A 247 -17.55 1.51 -14.16
CA GLU A 247 -18.07 1.65 -15.51
C GLU A 247 -18.43 0.33 -16.20
N GLY A 248 -18.01 -0.79 -15.62
CA GLY A 248 -18.29 -2.10 -16.15
C GLY A 248 -17.20 -2.66 -17.02
N GLN A 249 -16.07 -1.97 -17.11
CA GLN A 249 -14.89 -2.50 -17.80
C GLN A 249 -14.30 -3.72 -17.05
N ARG A 250 -13.90 -4.71 -17.82
CA ARG A 250 -13.32 -5.91 -17.27
C ARG A 250 -12.20 -6.37 -18.19
N LEU A 251 -11.42 -7.32 -17.68
CA LEU A 251 -10.34 -7.91 -18.45
C LEU A 251 -10.91 -8.58 -19.69
N PRO A 252 -10.14 -8.59 -20.80
CA PRO A 252 -10.58 -9.21 -22.06
C PRO A 252 -10.55 -10.73 -22.02
N ALA A 253 -11.34 -11.37 -22.88
CA ALA A 253 -11.32 -12.81 -23.02
C ALA A 253 -9.97 -13.23 -23.61
N PRO A 254 -9.21 -14.14 -22.95
CA PRO A 254 -8.01 -14.63 -23.61
C PRO A 254 -8.35 -15.49 -24.86
N PRO A 255 -7.52 -15.50 -25.92
CA PRO A 255 -7.70 -16.42 -27.07
C PRO A 255 -7.87 -17.92 -26.70
N ALA A 256 -7.15 -18.39 -25.68
CA ALA A 256 -7.23 -19.81 -25.25
C ALA A 256 -8.47 -20.13 -24.46
N CYS A 257 -9.21 -19.10 -24.10
CA CYS A 257 -10.30 -19.22 -23.20
C CYS A 257 -11.55 -19.57 -23.99
N PRO A 258 -12.16 -20.74 -23.72
CA PRO A 258 -13.45 -21.14 -24.26
C PRO A 258 -14.53 -20.13 -23.83
N ALA A 259 -15.53 -19.93 -24.67
CA ALA A 259 -16.58 -18.96 -24.39
C ALA A 259 -17.23 -19.20 -23.02
N GLU A 260 -17.41 -20.47 -22.65
CA GLU A 260 -18.04 -20.82 -21.38
CA GLU A 260 -18.04 -20.82 -21.38
C GLU A 260 -17.22 -20.33 -20.20
N VAL A 261 -15.91 -20.38 -20.32
CA VAL A 261 -15.02 -19.92 -19.25
C VAL A 261 -15.02 -18.40 -19.14
N HIS A 262 -15.08 -17.72 -20.28
CA HIS A 262 -15.19 -16.27 -20.26
C HIS A 262 -16.48 -15.86 -19.57
N GLU A 263 -17.58 -16.56 -19.87
CA GLU A 263 -18.85 -16.31 -19.19
C GLU A 263 -18.72 -16.50 -17.68
N LEU A 264 -18.02 -17.53 -17.25
CA LEU A 264 -17.81 -17.74 -15.81
C LEU A 264 -16.98 -16.60 -15.19
N MET A 265 -15.90 -16.14 -15.87
CA MET A 265 -15.12 -14.96 -15.37
C MET A 265 -16.01 -13.78 -15.18
N LYS A 266 -16.83 -13.48 -16.19
CA LYS A 266 -17.73 -12.33 -16.10
C LYS A 266 -18.68 -12.43 -14.91
N LEU A 267 -19.19 -13.61 -14.64
CA LEU A 267 -20.03 -13.81 -13.50
C LEU A 267 -19.28 -13.66 -12.16
N CYS A 268 -18.03 -14.10 -12.12
CA CYS A 268 -17.16 -13.92 -10.95
C CYS A 268 -16.93 -12.44 -10.67
N TRP A 269 -17.00 -11.64 -11.72
CA TRP A 269 -16.82 -10.23 -11.57
C TRP A 269 -18.08 -9.40 -11.56
N ALA A 270 -19.23 -10.00 -11.24
CA ALA A 270 -20.44 -9.23 -10.97
C ALA A 270 -20.15 -8.09 -9.96
N PRO A 271 -20.69 -6.87 -10.21
CA PRO A 271 -20.45 -5.74 -9.30
C PRO A 271 -20.92 -6.03 -7.86
N SER A 272 -22.12 -6.57 -7.73
CA SER A 272 -22.66 -6.95 -6.43
C SER A 272 -22.14 -8.33 -6.02
N PRO A 273 -21.58 -8.45 -4.79
CA PRO A 273 -21.12 -9.77 -4.33
C PRO A 273 -22.19 -10.83 -4.27
N GLN A 274 -23.43 -10.46 -3.99
CA GLN A 274 -24.49 -11.45 -3.99
C GLN A 274 -24.91 -11.93 -5.37
N ASP A 275 -24.46 -11.27 -6.44
CA ASP A 275 -24.72 -11.76 -7.78
C ASP A 275 -23.68 -12.67 -8.32
N ARG A 276 -22.64 -12.87 -7.53
CA ARG A 276 -21.52 -13.69 -7.95
C ARG A 276 -21.88 -15.13 -7.66
N PRO A 277 -21.52 -16.05 -8.52
CA PRO A 277 -21.78 -17.46 -8.18
C PRO A 277 -20.90 -17.94 -7.02
N SER A 278 -21.36 -18.94 -6.29
CA SER A 278 -20.54 -19.54 -5.27
C SER A 278 -19.51 -20.46 -5.96
N PHE A 279 -18.49 -20.85 -5.23
CA PHE A 279 -17.59 -21.86 -5.76
C PHE A 279 -18.34 -23.18 -6.02
N SER A 280 -19.36 -23.49 -5.19
CA SER A 280 -20.15 -24.71 -5.40
C SER A 280 -20.95 -24.71 -6.66
N ALA A 281 -21.37 -23.55 -7.13
CA ALA A 281 -21.95 -23.37 -8.47
C ALA A 281 -20.97 -23.38 -9.64
N LEU A 282 -19.82 -22.75 -9.46
CA LEU A 282 -18.79 -22.74 -10.47
C LEU A 282 -18.17 -24.11 -10.70
N GLY A 283 -17.97 -24.86 -9.63
CA GLY A 283 -17.27 -26.14 -9.73
C GLY A 283 -17.87 -27.11 -10.74
N PRO A 284 -19.20 -27.35 -10.67
CA PRO A 284 -19.80 -28.27 -11.63
C PRO A 284 -19.63 -27.82 -13.06
N GLN A 285 -19.66 -26.52 -13.31
CA GLN A 285 -19.49 -26.03 -14.67
C GLN A 285 -18.08 -26.32 -15.15
N LEU A 286 -17.07 -26.02 -14.33
CA LEU A 286 -15.72 -26.27 -14.72
C LEU A 286 -15.47 -27.78 -14.80
N ASP A 287 -16.11 -28.54 -13.90
CA ASP A 287 -15.97 -30.02 -13.92
C ASP A 287 -16.53 -30.57 -15.23
N MET A 288 -17.69 -30.06 -15.67
CA MET A 288 -18.28 -30.46 -16.96
C MET A 288 -17.37 -30.15 -18.15
N LEU A 289 -16.82 -28.93 -18.14
CA LEU A 289 -15.91 -28.49 -19.20
C LEU A 289 -14.61 -29.31 -19.20
N TRP A 290 -14.02 -29.52 -18.01
CA TRP A 290 -12.82 -30.34 -17.91
C TRP A 290 -13.13 -31.77 -18.39
N SER A 291 -14.06 -32.45 -17.72
CA SER A 291 -14.45 -33.82 -18.10
C SER A 291 -14.84 -33.98 -19.57
N GLY A 292 -15.48 -32.97 -20.14
CA GLY A 292 -15.87 -32.96 -21.56
C GLY A 292 -14.76 -32.82 -22.59
N SER A 293 -13.65 -32.21 -22.18
CA SER A 293 -12.51 -31.94 -23.05
C SER A 293 -11.41 -33.00 -22.88
N ARG A 294 -11.67 -34.02 -22.07
CA ARG A 294 -10.63 -35.00 -21.72
C ARG A 294 -10.09 -35.78 -22.92
N ASP B 4 -19.22 21.55 -17.11
CA ASP B 4 -18.35 20.78 -16.16
C ASP B 4 -17.82 21.73 -15.09
N PRO B 5 -18.09 21.43 -13.79
CA PRO B 5 -17.67 22.36 -12.72
C PRO B 5 -16.15 22.44 -12.47
N THR B 6 -15.36 21.56 -13.11
CA THR B 6 -13.89 21.49 -12.97
C THR B 6 -13.11 22.41 -13.98
N ILE B 7 -13.81 23.13 -14.85
CA ILE B 7 -13.14 24.06 -15.76
C ILE B 7 -13.50 25.47 -15.35
N PHE B 8 -12.48 26.17 -14.85
CA PHE B 8 -12.60 27.54 -14.38
C PHE B 8 -12.08 28.40 -15.51
N GLU B 9 -12.89 29.34 -15.97
CA GLU B 9 -12.43 30.32 -16.92
C GLU B 9 -11.35 31.26 -16.35
N GLU B 10 -10.22 31.35 -17.05
CA GLU B 10 -9.10 32.25 -16.68
C GLU B 10 -9.50 33.70 -16.47
N ARG B 11 -10.30 34.26 -17.37
CA ARG B 11 -10.67 35.66 -17.24
C ARG B 11 -11.48 35.97 -15.96
N HIS B 12 -12.04 34.93 -15.33
CA HIS B 12 -12.84 35.09 -14.13
C HIS B 12 -12.09 34.86 -12.83
N LEU B 13 -10.83 34.48 -12.92
CA LEU B 13 -9.99 34.34 -11.77
C LEU B 13 -9.29 35.67 -11.43
N LYS B 14 -9.70 36.27 -10.33
CA LYS B 14 -9.17 37.56 -9.87
C LYS B 14 -8.16 37.40 -8.74
N TYR B 15 -6.90 37.69 -9.09
CA TYR B 15 -5.78 37.70 -8.16
C TYR B 15 -6.02 38.60 -6.92
N ILE B 16 -5.71 38.03 -5.76
CA ILE B 16 -5.75 38.70 -4.46
C ILE B 16 -4.40 38.80 -3.77
N SER B 17 -3.77 37.67 -3.51
CA SER B 17 -2.50 37.66 -2.79
C SER B 17 -1.80 36.33 -3.00
N GLN B 18 -0.54 36.29 -2.57
CA GLN B 18 0.25 35.05 -2.59
C GLN B 18 0.09 34.22 -1.32
N LEU B 19 -0.03 32.93 -1.49
CA LEU B 19 -0.11 32.00 -0.38
C LEU B 19 1.15 31.18 -0.16
N GLY B 20 1.89 30.93 -1.23
CA GLY B 20 3.12 30.14 -1.17
C GLY B 20 3.88 30.39 -2.45
N LYS B 21 5.20 30.26 -2.36
CA LYS B 21 6.02 30.33 -3.55
C LYS B 21 7.16 29.34 -3.43
N GLY B 22 7.58 28.83 -4.58
CA GLY B 22 8.83 28.09 -4.72
C GLY B 22 9.63 28.69 -5.87
N ASN B 23 10.71 28.01 -6.24
CA ASN B 23 11.54 28.48 -7.35
C ASN B 23 10.83 28.44 -8.68
N PHE B 24 9.87 27.51 -8.82
CA PHE B 24 9.20 27.26 -10.11
C PHE B 24 7.68 27.49 -10.10
N GLY B 25 7.09 27.81 -8.96
CA GLY B 25 5.66 28.09 -8.97
C GLY B 25 5.20 28.87 -7.77
N SER B 26 3.93 29.26 -7.83
CA SER B 26 3.32 29.97 -6.73
C SER B 26 1.88 29.51 -6.59
N VAL B 27 1.39 29.58 -5.37
CA VAL B 27 -0.01 29.40 -5.05
C VAL B 27 -0.52 30.78 -4.61
N GLU B 28 -1.60 31.19 -5.28
CA GLU B 28 -2.22 32.49 -5.12
C GLU B 28 -3.67 32.35 -4.66
N LEU B 29 -4.06 33.23 -3.74
CA LEU B 29 -5.44 33.40 -3.43
C LEU B 29 -6.07 34.18 -4.52
N CYS B 30 -7.19 33.65 -4.99
CA CYS B 30 -7.95 34.30 -6.05
C CYS B 30 -9.42 34.23 -5.75
N ARG B 31 -10.19 35.14 -6.33
CA ARG B 31 -11.63 35.01 -6.32
C ARG B 31 -12.02 34.51 -7.71
N TYR B 32 -12.89 33.47 -7.73
CA TYR B 32 -13.51 33.02 -8.97
C TYR B 32 -14.79 33.80 -9.07
N ASP B 33 -14.83 34.71 -10.03
CA ASP B 33 -15.89 35.75 -10.01
C ASP B 33 -16.56 35.86 -11.38
N PRO B 34 -17.28 34.81 -11.83
CA PRO B 34 -17.95 34.86 -13.15
C PRO B 34 -19.03 35.92 -13.31
N LEU B 35 -19.64 36.32 -12.19
CA LEU B 35 -20.62 37.38 -12.24
C LEU B 35 -19.99 38.76 -12.32
N GLY B 36 -18.72 38.89 -11.94
CA GLY B 36 -18.01 40.15 -12.15
C GLY B 36 -18.25 41.22 -11.08
N ASP B 37 -18.97 40.87 -10.02
CA ASP B 37 -19.37 41.84 -8.99
C ASP B 37 -18.61 41.68 -7.68
N ASN B 38 -17.49 40.93 -7.70
CA ASN B 38 -16.71 40.64 -6.51
C ASN B 38 -17.43 39.84 -5.41
N THR B 39 -18.39 39.00 -5.82
CA THR B 39 -19.12 38.09 -4.87
C THR B 39 -18.74 36.61 -4.94
N GLY B 40 -17.91 36.26 -5.91
CA GLY B 40 -17.51 34.88 -6.10
C GLY B 40 -16.72 34.25 -4.99
N ALA B 41 -16.64 32.93 -5.02
CA ALA B 41 -15.88 32.10 -4.08
C ALA B 41 -14.39 32.40 -4.14
N LEU B 42 -13.75 32.23 -3.00
CA LEU B 42 -12.27 32.25 -2.98
C LEU B 42 -11.70 30.86 -3.19
N VAL B 43 -10.59 30.78 -3.93
CA VAL B 43 -9.95 29.54 -4.25
C VAL B 43 -8.46 29.84 -4.18
N ALA B 44 -7.69 28.77 -4.12
CA ALA B 44 -6.26 28.81 -4.20
C ALA B 44 -5.82 28.28 -5.50
N VAL B 45 -4.96 28.99 -6.18
CA VAL B 45 -4.67 28.69 -7.59
C VAL B 45 -3.17 28.57 -7.74
N LYS B 46 -2.70 27.41 -8.20
CA LYS B 46 -1.32 27.21 -8.46
C LYS B 46 -1.00 27.41 -9.95
N GLN B 47 0.12 28.10 -10.18
CA GLN B 47 0.67 28.34 -11.52
C GLN B 47 2.19 28.29 -11.48
N LEU B 48 2.80 27.99 -12.64
CA LEU B 48 4.27 27.99 -12.71
C LEU B 48 4.90 29.33 -13.09
N GLN B 49 6.13 29.57 -12.65
CA GLN B 49 7.01 30.61 -13.19
C GLN B 49 8.39 29.99 -13.46
N HIS B 50 9.13 30.56 -14.42
CA HIS B 50 10.46 30.06 -14.80
C HIS B 50 10.39 28.58 -15.14
N SER B 51 9.34 28.17 -15.85
CA SER B 51 9.05 26.76 -16.03
C SER B 51 9.55 26.28 -17.37
N GLY B 52 10.41 25.27 -17.35
CA GLY B 52 10.77 24.53 -18.54
C GLY B 52 9.90 23.29 -18.68
N PRO B 53 10.09 22.53 -19.77
CA PRO B 53 9.34 21.30 -20.01
C PRO B 53 9.27 20.35 -18.80
N ASP B 54 10.37 20.19 -18.06
CA ASP B 54 10.37 19.33 -16.88
C ASP B 54 9.39 19.80 -15.80
N GLN B 55 9.36 21.10 -15.54
CA GLN B 55 8.47 21.64 -14.53
C GLN B 55 7.04 21.53 -14.98
N GLN B 56 6.79 21.79 -16.27
CA GLN B 56 5.45 21.67 -16.85
C GLN B 56 4.99 20.22 -16.76
N ARG B 57 5.89 19.29 -17.03
CA ARG B 57 5.52 17.88 -16.95
C ARG B 57 5.23 17.48 -15.52
N ASP B 58 6.01 17.97 -14.56
CA ASP B 58 5.74 17.64 -13.17
C ASP B 58 4.40 18.25 -12.73
N PHE B 59 4.07 19.41 -13.29
CA PHE B 59 2.83 20.14 -12.88
C PHE B 59 1.60 19.36 -13.39
N GLN B 60 1.71 18.84 -14.59
CA GLN B 60 0.67 17.94 -15.13
C GLN B 60 0.44 16.73 -14.20
N ARG B 61 1.54 16.19 -13.69
CA ARG B 61 1.52 15.05 -12.78
C ARG B 61 0.81 15.43 -11.49
N GLU B 62 1.18 16.59 -10.95
CA GLU B 62 0.59 17.07 -9.70
C GLU B 62 -0.91 17.17 -9.80
N ILE B 63 -1.38 17.79 -10.90
CA ILE B 63 -2.82 17.98 -11.15
C ILE B 63 -3.55 16.63 -11.17
N GLN B 64 -3.00 15.66 -11.89
CA GLN B 64 -3.65 14.35 -12.00
C GLN B 64 -3.67 13.59 -10.67
N ILE B 65 -2.60 13.71 -9.89
CA ILE B 65 -2.59 13.06 -8.59
C ILE B 65 -3.66 13.69 -7.70
N LEU B 66 -3.61 15.02 -7.52
CA LEU B 66 -4.54 15.67 -6.60
C LEU B 66 -6.00 15.39 -6.97
N LYS B 67 -6.31 15.46 -8.27
CA LYS B 67 -7.68 15.26 -8.74
C LYS B 67 -8.26 13.89 -8.40
N ALA B 68 -7.39 12.89 -8.31
CA ALA B 68 -7.77 11.53 -7.97
C ALA B 68 -7.81 11.24 -6.49
N LEU B 69 -7.38 12.16 -5.64
CA LEU B 69 -7.48 11.95 -4.19
C LEU B 69 -8.77 12.51 -3.55
N HIS B 70 -9.40 11.70 -2.69
CA HIS B 70 -10.67 12.04 -2.04
C HIS B 70 -10.58 11.64 -0.58
N SER B 71 -9.91 12.48 0.19
CA SER B 71 -9.68 12.24 1.61
C SER B 71 -10.04 13.50 2.33
N ASP B 72 -10.60 13.34 3.52
CA ASP B 72 -10.84 14.42 4.46
C ASP B 72 -9.57 15.11 4.93
N PHE B 73 -8.41 14.44 4.78
CA PHE B 73 -7.13 14.96 5.29
C PHE B 73 -6.13 15.28 4.16
N ILE B 74 -6.66 15.52 2.95
CA ILE B 74 -5.83 15.96 1.82
C ILE B 74 -6.64 17.17 1.22
N VAL B 75 -5.91 18.25 0.91
CA VAL B 75 -6.48 19.46 0.33
C VAL B 75 -7.25 19.11 -0.95
N LYS B 76 -8.43 19.71 -1.10
CA LYS B 76 -9.31 19.38 -2.19
C LYS B 76 -8.99 20.05 -3.54
N TYR B 77 -8.84 19.24 -4.56
CA TYR B 77 -8.85 19.71 -5.94
C TYR B 77 -10.20 20.22 -6.36
N ARG B 78 -10.21 21.32 -7.11
CA ARG B 78 -11.47 21.87 -7.60
C ARG B 78 -11.55 21.88 -9.12
N GLY B 79 -10.41 22.13 -9.75
CA GLY B 79 -10.40 22.16 -11.21
C GLY B 79 -9.15 22.72 -11.78
N VAL B 80 -9.20 23.00 -13.06
CA VAL B 80 -8.13 23.65 -13.72
C VAL B 80 -8.64 24.86 -14.47
N SER B 81 -7.69 25.67 -14.87
CA SER B 81 -7.92 26.73 -15.81
CA SER B 81 -7.96 26.71 -15.83
C SER B 81 -6.85 26.76 -16.89
N TYR B 82 -7.19 27.38 -17.99
CA TYR B 82 -6.24 27.61 -19.06
C TYR B 82 -6.79 28.74 -19.86
N GLY B 83 -6.05 29.17 -20.83
CA GLY B 83 -6.54 30.23 -21.65
C GLY B 83 -5.49 30.43 -22.66
N PRO B 84 -5.63 31.51 -23.44
CA PRO B 84 -4.66 31.78 -24.48
C PRO B 84 -3.22 31.76 -23.95
N GLY B 85 -2.33 31.14 -24.70
CA GLY B 85 -0.93 30.96 -24.35
C GLY B 85 -0.52 29.58 -23.85
N ARG B 86 0.79 29.43 -23.80
CA ARG B 86 1.46 28.34 -23.13
C ARG B 86 1.75 28.85 -21.72
N GLN B 87 2.10 27.95 -20.82
CA GLN B 87 2.39 28.29 -19.43
C GLN B 87 1.17 28.92 -18.66
N SER B 88 -0.02 28.87 -19.25
CA SER B 88 -1.26 29.44 -18.66
C SER B 88 -2.10 28.42 -17.87
N LEU B 89 -1.65 27.17 -17.82
CA LEU B 89 -2.33 26.11 -17.05
C LEU B 89 -2.31 26.44 -15.56
N ARG B 90 -3.45 26.31 -14.93
CA ARG B 90 -3.52 26.59 -13.50
C ARG B 90 -4.26 25.47 -12.82
N LEU B 91 -3.86 25.21 -11.58
CA LEU B 91 -4.52 24.25 -10.73
C LEU B 91 -5.34 24.98 -9.63
N VAL B 92 -6.65 24.70 -9.60
CA VAL B 92 -7.56 25.38 -8.70
C VAL B 92 -7.86 24.44 -7.52
N MET B 93 -7.69 24.92 -6.28
CA MET B 93 -7.93 24.13 -5.12
C MET B 93 -8.75 24.93 -4.14
N GLU B 94 -9.25 24.20 -3.17
CA GLU B 94 -9.93 24.85 -2.08
C GLU B 94 -8.93 25.80 -1.34
N TYR B 95 -9.45 26.90 -0.81
CA TYR B 95 -8.69 27.84 0.01
C TYR B 95 -9.08 27.65 1.48
N LEU B 96 -8.05 27.47 2.33
CA LEU B 96 -8.17 27.29 3.77
CA LEU B 96 -8.20 27.28 3.78
C LEU B 96 -7.64 28.51 4.49
N PRO B 97 -8.53 29.47 4.89
CA PRO B 97 -8.06 30.76 5.42
C PRO B 97 -7.27 30.72 6.72
N SER B 98 -7.38 29.64 7.46
CA SER B 98 -6.66 29.49 8.73
C SER B 98 -5.17 29.22 8.54
N GLY B 99 -4.78 28.86 7.35
CA GLY B 99 -3.38 28.83 6.91
C GLY B 99 -2.71 27.55 7.36
N CYS B 100 -1.40 27.59 7.47
CA CYS B 100 -0.66 26.35 7.65
C CYS B 100 -0.51 26.06 9.14
N LEU B 101 -0.31 24.77 9.42
CA LEU B 101 -0.18 24.28 10.80
C LEU B 101 1.07 24.81 11.52
N ARG B 102 2.15 25.05 10.77
CA ARG B 102 3.38 25.59 11.33
C ARG B 102 3.11 26.96 11.96
N ASP B 103 2.42 27.79 11.23
CA ASP B 103 2.04 29.12 11.78
C ASP B 103 1.00 29.05 12.87
N PHE B 104 0.08 28.12 12.74
CA PHE B 104 -1.02 27.94 13.71
C PHE B 104 -0.47 27.52 15.04
N LEU B 105 0.45 26.56 15.01
CA LEU B 105 1.08 26.12 16.30
C LEU B 105 1.91 27.21 16.97
N GLN B 106 2.61 28.03 16.19
CA GLN B 106 3.40 29.10 16.76
C GLN B 106 2.48 30.17 17.37
N ARG B 107 1.42 30.52 16.64
CA ARG B 107 0.50 31.54 17.13
C ARG B 107 -0.27 31.05 18.38
N HIS B 108 -0.82 29.85 18.34
CA HIS B 108 -1.76 29.34 19.37
C HIS B 108 -1.23 28.34 20.36
N ARG B 109 0.08 28.15 20.38
CA ARG B 109 0.76 27.24 21.28
C ARG B 109 0.11 27.13 22.68
N ALA B 110 -0.10 28.27 23.30
CA ALA B 110 -0.45 28.27 24.71
C ALA B 110 -1.82 27.64 24.96
N ARG B 111 -2.65 27.54 23.93
CA ARG B 111 -3.95 26.89 24.10
C ARG B 111 -4.13 25.57 23.39
N LEU B 112 -3.04 24.97 22.95
CA LEU B 112 -3.12 23.69 22.26
C LEU B 112 -2.44 22.64 23.12
N ASP B 113 -3.18 21.69 23.64
CA ASP B 113 -2.59 20.69 24.52
C ASP B 113 -2.08 19.52 23.72
N ALA B 114 -1.43 18.60 24.41
CA ALA B 114 -0.93 17.38 23.79
C ALA B 114 -2.03 16.57 23.11
N SER B 115 -3.22 16.54 23.73
CA SER B 115 -4.39 15.88 23.11
C SER B 115 -4.65 16.36 21.69
N ARG B 116 -4.73 17.68 21.55
CA ARG B 116 -4.94 18.26 20.23
C ARG B 116 -3.79 17.97 19.24
N LEU B 117 -2.55 17.98 19.72
CA LEU B 117 -1.41 17.65 18.81
C LEU B 117 -1.50 16.21 18.35
N LEU B 118 -1.96 15.32 19.28
CA LEU B 118 -2.18 13.91 18.99
C LEU B 118 -3.27 13.74 17.94
N LEU B 119 -4.32 14.50 18.06
CA LEU B 119 -5.34 14.58 17.02
C LEU B 119 -4.77 14.98 15.64
N TYR B 120 -4.00 16.09 15.58
CA TYR B 120 -3.36 16.50 14.30
C TYR B 120 -2.52 15.36 13.70
N SER B 121 -1.76 14.72 14.58
CA SER B 121 -0.81 13.65 14.19
C SER B 121 -1.55 12.45 13.61
N SER B 122 -2.71 12.16 14.19
CA SER B 122 -3.50 11.01 13.77
C SER B 122 -4.13 11.39 12.38
N GLN B 123 -4.60 12.63 12.23
CA GLN B 123 -5.14 13.06 10.88
C GLN B 123 -4.11 13.05 9.80
N ILE B 124 -2.94 13.58 10.08
CA ILE B 124 -1.82 13.59 9.08
C ILE B 124 -1.47 12.13 8.75
N CYS B 125 -1.38 11.29 9.74
CA CYS B 125 -1.12 9.84 9.48
C CYS B 125 -2.18 9.20 8.58
N LYS B 126 -3.46 9.51 8.80
CA LYS B 126 -4.54 8.98 7.94
C LYS B 126 -4.45 9.47 6.51
N GLY B 127 -4.10 10.75 6.34
CA GLY B 127 -3.89 11.30 4.96
C GLY B 127 -2.80 10.54 4.28
N MET B 128 -1.71 10.31 5.04
CA MET B 128 -0.55 9.54 4.39
C MET B 128 -0.85 8.13 4.18
N GLU B 129 -1.64 7.49 5.10
CA GLU B 129 -2.13 6.13 4.83
C GLU B 129 -2.94 6.08 3.53
N TYR B 130 -3.81 7.07 3.32
CA TYR B 130 -4.55 7.21 2.05
C TYR B 130 -3.60 7.37 0.83
N LEU B 131 -2.67 8.32 0.87
CA LEU B 131 -1.64 8.41 -0.16
C LEU B 131 -0.90 7.08 -0.41
N GLY B 132 -0.53 6.38 0.65
CA GLY B 132 0.17 5.09 0.55
C GLY B 132 -0.62 4.03 -0.19
N SER B 133 -1.93 3.97 0.05
CA SER B 133 -2.82 3.07 -0.66
C SER B 133 -2.92 3.34 -2.15
N ARG B 134 -2.64 4.58 -2.54
CA ARG B 134 -2.60 5.01 -3.96
C ARG B 134 -1.16 5.02 -4.50
N ARG B 135 -0.22 4.48 -3.71
CA ARG B 135 1.18 4.33 -4.14
C ARG B 135 1.87 5.67 -4.44
N CYS B 136 1.49 6.68 -3.67
CA CYS B 136 1.96 8.06 -3.90
C CYS B 136 2.94 8.41 -2.82
N VAL B 137 4.08 8.94 -3.23
CA VAL B 137 5.09 9.40 -2.27
C VAL B 137 5.00 10.90 -2.31
N HIS B 138 4.76 11.50 -1.18
CA HIS B 138 4.49 12.95 -1.16
C HIS B 138 5.78 13.79 -1.26
N ARG B 139 6.82 13.45 -0.47
CA ARG B 139 8.15 14.07 -0.56
C ARG B 139 8.30 15.53 -0.02
N ALA B 140 7.22 16.09 0.49
CA ALA B 140 7.27 17.44 1.08
C ALA B 140 6.48 17.53 2.39
N LEU B 141 6.41 16.43 3.12
N LEU B 141 6.50 16.45 3.16
CA LEU B 141 5.61 16.37 4.34
CA LEU B 141 5.72 16.36 4.37
C LEU B 141 6.32 17.19 5.42
C LEU B 141 6.32 17.17 5.50
N ALA B 142 5.71 18.31 5.79
CA ALA B 142 6.28 19.27 6.74
C ALA B 142 5.10 20.09 7.23
N ALA B 143 5.21 20.59 8.45
CA ALA B 143 4.12 21.39 9.01
C ALA B 143 3.74 22.63 8.16
N ARG B 144 4.71 23.24 7.48
CA ARG B 144 4.41 24.36 6.56
C ARG B 144 3.47 23.98 5.42
N ASN B 145 3.40 22.69 5.09
CA ASN B 145 2.54 22.20 4.01
C ASN B 145 1.28 21.48 4.50
N ILE B 146 0.99 21.57 5.79
CA ILE B 146 -0.20 21.02 6.35
C ILE B 146 -1.12 22.22 6.62
N LEU B 147 -2.38 22.12 6.22
CA LEU B 147 -3.31 23.26 6.36
C LEU B 147 -4.28 23.04 7.47
N VAL B 148 -4.79 24.14 8.03
CA VAL B 148 -5.77 24.07 9.12
C VAL B 148 -7.14 24.41 8.50
N GLU B 149 -7.97 23.39 8.49
CA GLU B 149 -9.37 23.53 8.06
C GLU B 149 -10.17 24.12 9.20
N SER B 150 -9.97 23.60 10.41
CA SER B 150 -10.57 24.17 11.61
C SER B 150 -9.63 23.80 12.72
N GLU B 151 -9.94 24.23 13.94
CA GLU B 151 -8.99 23.99 15.04
C GLU B 151 -8.81 22.51 15.34
N ALA B 152 -9.74 21.66 14.93
CA ALA B 152 -9.60 20.19 15.13
C ALA B 152 -9.57 19.42 13.80
N HIS B 153 -9.04 20.03 12.74
CA HIS B 153 -9.02 19.35 11.42
C HIS B 153 -7.96 19.96 10.52
N VAL B 154 -7.02 19.09 10.17
CA VAL B 154 -5.90 19.43 9.26
C VAL B 154 -5.92 18.60 7.98
N LYS B 155 -5.26 19.13 6.95
CA LYS B 155 -5.19 18.53 5.65
C LYS B 155 -3.81 18.73 5.07
N ILE B 156 -3.33 17.76 4.33
CA ILE B 156 -2.07 17.76 3.69
C ILE B 156 -2.19 18.48 2.32
N ALA B 157 -1.26 19.39 2.09
CA ALA B 157 -1.12 20.17 0.87
C ALA B 157 0.27 20.01 0.22
N ASP B 158 0.58 20.92 -0.70
CA ASP B 158 1.78 20.92 -1.49
C ASP B 158 2.18 19.56 -2.04
N PHE B 159 1.57 19.20 -3.13
CA PHE B 159 1.85 18.00 -3.85
C PHE B 159 2.82 18.26 -5.01
N GLY B 160 3.61 19.35 -4.94
CA GLY B 160 4.52 19.74 -6.06
C GLY B 160 5.62 18.74 -6.37
N LEU B 161 5.98 17.97 -5.36
CA LEU B 161 7.01 16.96 -5.49
C LEU B 161 6.47 15.54 -5.53
N ALA B 162 5.14 15.35 -5.35
CA ALA B 162 4.55 14.02 -5.24
C ALA B 162 4.72 13.20 -6.46
N LYS B 163 4.89 11.90 -6.25
CA LYS B 163 5.14 11.00 -7.39
CA LYS B 163 5.13 11.00 -7.38
C LYS B 163 4.57 9.62 -7.10
N LEU B 164 4.04 8.99 -8.14
CA LEU B 164 3.54 7.65 -8.02
C LEU B 164 4.64 6.62 -8.19
N LEU B 165 4.59 5.61 -7.31
CA LEU B 165 5.46 4.47 -7.48
C LEU B 165 5.05 3.69 -8.70
N PRO B 166 6.01 3.09 -9.40
CA PRO B 166 5.61 2.16 -10.46
C PRO B 166 4.80 1.00 -9.86
N LEU B 167 4.05 0.30 -10.70
CA LEU B 167 3.29 -0.85 -10.21
C LEU B 167 4.18 -1.97 -9.69
N ASP B 168 5.41 -2.08 -10.19
CA ASP B 168 6.30 -3.19 -9.89
C ASP B 168 7.53 -2.88 -8.98
N LYS B 169 7.55 -1.72 -8.34
CA LYS B 169 8.72 -1.27 -7.55
C LYS B 169 8.18 -0.42 -6.43
N ASP B 170 8.68 -0.60 -5.20
CA ASP B 170 8.20 0.19 -4.08
C ASP B 170 9.09 1.39 -3.77
N TYR B 171 9.93 1.79 -4.73
CA TYR B 171 10.66 3.04 -4.57
C TYR B 171 10.84 3.69 -5.92
N TYR B 172 11.31 4.93 -5.92
CA TYR B 172 11.84 5.50 -7.16
C TYR B 172 13.09 6.28 -6.88
N VAL B 173 13.76 6.67 -7.94
CA VAL B 173 15.01 7.38 -7.86
C VAL B 173 14.93 8.62 -8.73
N VAL B 174 15.42 9.72 -8.19
CA VAL B 174 15.49 10.97 -8.94
C VAL B 174 16.91 11.29 -9.28
N ARG B 175 17.11 12.16 -10.26
CA ARG B 175 18.42 12.74 -10.51
C ARG B 175 18.69 13.79 -9.40
N GLU B 176 19.95 14.10 -9.14
CA GLU B 176 20.34 15.04 -8.04
C GLU B 176 19.60 16.38 -8.24
N PRO B 177 18.45 16.58 -7.52
CA PRO B 177 17.48 17.59 -7.98
C PRO B 177 17.83 19.06 -7.64
N GLY B 178 16.84 19.94 -7.81
CA GLY B 178 16.79 21.22 -7.09
C GLY B 178 16.68 21.04 -5.57
N GLN B 179 16.24 22.09 -4.88
CA GLN B 179 16.42 22.24 -3.40
C GLN B 179 15.50 21.44 -2.45
N SER B 180 16.07 20.54 -1.64
CA SER B 180 15.32 19.74 -0.64
C SER B 180 15.41 20.35 0.77
N PRO B 181 14.38 20.15 1.61
CA PRO B 181 14.45 20.45 3.06
C PRO B 181 15.22 19.35 3.80
N ILE B 182 16.53 19.55 3.91
CA ILE B 182 17.43 18.43 4.24
C ILE B 182 17.06 17.85 5.56
N PHE B 183 16.62 18.66 6.52
CA PHE B 183 16.31 18.12 7.86
C PHE B 183 15.05 17.28 7.99
N TRP B 184 14.31 17.17 6.86
CA TRP B 184 13.04 16.41 6.87
C TRP B 184 13.20 15.09 6.09
N TYR B 185 14.37 14.89 5.49
CA TYR B 185 14.55 13.85 4.48
C TYR B 185 15.26 12.66 5.05
N ALA B 186 14.86 11.49 4.57
CA ALA B 186 15.48 10.21 4.94
C ALA B 186 16.92 10.19 4.44
N PRO B 187 17.81 9.52 5.19
CA PRO B 187 19.22 9.44 4.75
C PRO B 187 19.37 8.84 3.36
N GLU B 188 18.61 7.82 3.02
CA GLU B 188 18.74 7.23 1.67
C GLU B 188 18.28 8.18 0.58
N SER B 189 17.35 9.11 0.90
CA SER B 189 16.96 10.11 -0.05
C SER B 189 18.06 11.12 -0.24
N LEU B 190 18.72 11.49 0.87
CA LEU B 190 19.81 12.44 0.82
C LEU B 190 21.03 11.92 0.12
N SER B 191 21.37 10.69 0.41
CA SER B 191 22.62 10.14 -0.09
C SER B 191 22.47 9.56 -1.45
N ASP B 192 21.34 8.91 -1.72
CA ASP B 192 21.16 8.15 -2.95
C ASP B 192 19.93 8.49 -3.78
N ASN B 193 19.21 9.56 -3.43
CA ASN B 193 18.02 10.00 -4.17
C ASN B 193 16.94 8.90 -4.31
N ILE B 194 16.87 8.04 -3.29
CA ILE B 194 15.86 7.00 -3.24
C ILE B 194 14.67 7.51 -2.38
N PHE B 195 13.47 7.44 -2.96
CA PHE B 195 12.22 7.86 -2.29
C PHE B 195 11.21 6.71 -2.31
N SER B 196 10.44 6.61 -1.25
CA SER B 196 9.51 5.53 -1.03
C SER B 196 8.51 5.98 0.04
N ARG B 197 7.50 5.17 0.28
CA ARG B 197 6.58 5.45 1.37
C ARG B 197 7.29 5.47 2.74
N GLN B 198 8.35 4.68 2.82
CA GLN B 198 9.15 4.61 3.99
CA GLN B 198 9.21 4.61 3.97
C GLN B 198 10.04 5.87 4.17
N SER B 199 10.40 6.57 3.09
CA SER B 199 11.10 7.83 3.21
C SER B 199 10.11 8.88 3.73
N ASP B 200 8.89 8.80 3.30
CA ASP B 200 7.86 9.67 3.83
C ASP B 200 7.63 9.46 5.31
N VAL B 201 7.74 8.19 5.76
CA VAL B 201 7.60 7.88 7.23
C VAL B 201 8.63 8.61 8.04
N TRP B 202 9.84 8.67 7.49
CA TRP B 202 10.92 9.34 8.15
C TRP B 202 10.53 10.85 8.26
N SER B 203 10.03 11.39 7.18
CA SER B 203 9.58 12.81 7.23
C SER B 203 8.50 13.00 8.29
N PHE B 204 7.61 12.03 8.41
CA PHE B 204 6.49 12.13 9.36
C PHE B 204 6.96 12.21 10.83
N GLY B 205 8.00 11.47 11.10
CA GLY B 205 8.71 11.60 12.36
C GLY B 205 9.18 13.03 12.61
N VAL B 206 9.69 13.71 11.57
CA VAL B 206 10.14 15.08 11.74
C VAL B 206 8.88 15.96 11.97
N VAL B 207 7.78 15.61 11.34
CA VAL B 207 6.52 16.35 11.57
C VAL B 207 6.06 16.18 12.99
N LEU B 208 6.17 14.98 13.54
CA LEU B 208 5.80 14.83 14.96
C LEU B 208 6.65 15.73 15.85
N TYR B 209 7.97 15.80 15.53
CA TYR B 209 8.91 16.64 16.23
C TYR B 209 8.43 18.14 16.13
N GLU B 210 8.03 18.54 14.97
CA GLU B 210 7.50 19.89 14.76
C GLU B 210 6.27 20.14 15.64
N LEU B 211 5.34 19.20 15.59
CA LEU B 211 4.10 19.28 16.36
C LEU B 211 4.43 19.45 17.87
N PHE B 212 5.30 18.61 18.39
CA PHE B 212 5.43 18.59 19.82
C PHE B 212 6.46 19.56 20.37
N THR B 213 7.11 20.32 19.49
CA THR B 213 7.78 21.58 19.81
C THR B 213 6.98 22.83 19.40
N TYR B 214 5.78 22.65 18.84
CA TYR B 214 4.88 23.74 18.46
C TYR B 214 5.61 24.61 17.45
N CYS B 215 6.44 23.98 16.63
CA CYS B 215 7.29 24.65 15.63
C CYS B 215 8.12 25.81 16.19
N ASP B 216 8.54 25.69 17.43
CA ASP B 216 9.31 26.74 18.04
C ASP B 216 10.63 26.88 17.33
N LYS B 217 10.98 28.12 16.99
CA LYS B 217 12.19 28.34 16.18
C LYS B 217 13.47 28.03 16.89
N SER B 218 13.49 28.19 18.21
CA SER B 218 14.70 27.93 18.99
C SER B 218 15.04 26.45 19.13
N CYS B 219 14.08 25.57 18.90
CA CYS B 219 14.43 24.15 18.77
C CYS B 219 13.96 23.48 17.50
N SER B 220 13.99 24.25 16.42
CA SER B 220 13.75 23.73 15.10
C SER B 220 14.81 22.66 14.79
N PRO B 221 14.54 21.85 13.81
CA PRO B 221 15.55 20.91 13.40
C PRO B 221 16.84 21.54 13.03
N SER B 222 16.79 22.66 12.29
CA SER B 222 18.00 23.36 11.93
C SER B 222 18.74 23.91 13.15
N ALA B 223 17.99 24.47 14.08
CA ALA B 223 18.61 24.95 15.34
C ALA B 223 19.29 23.81 16.14
N GLU B 224 18.62 22.65 16.19
CA GLU B 224 19.16 21.47 16.89
C GLU B 224 20.42 20.94 16.20
N PHE B 225 20.41 20.91 14.86
CA PHE B 225 21.60 20.57 14.10
C PHE B 225 22.81 21.50 14.45
N LEU B 226 22.57 22.80 14.50
CA LEU B 226 23.62 23.74 14.78
C LEU B 226 24.17 23.52 16.17
N ARG B 227 23.33 23.14 17.11
CA ARG B 227 23.79 22.77 18.44
C ARG B 227 24.55 21.45 18.50
N MET B 228 24.09 20.48 17.70
CA MET B 228 24.65 19.18 17.65
C MET B 228 25.86 19.05 16.75
N MET B 229 26.08 20.00 15.85
CA MET B 229 27.10 19.70 14.81
C MET B 229 28.52 19.64 15.35
N GLY B 230 28.78 20.18 16.54
CA GLY B 230 30.15 20.25 17.10
C GLY B 230 30.83 21.59 16.85
N SER B 231 32.08 21.71 17.27
CA SER B 231 32.80 22.98 17.13
C SER B 231 33.36 23.33 15.75
N GLU B 232 33.30 22.41 14.77
CA GLU B 232 33.67 22.72 13.39
C GLU B 232 32.47 23.35 12.64
N ARG B 233 32.41 24.67 12.70
CA ARG B 233 31.25 25.42 12.20
C ARG B 233 31.17 25.53 10.66
N ASP B 234 32.24 25.20 9.94
CA ASP B 234 32.26 25.37 8.46
C ASP B 234 32.18 24.06 7.68
N VAL B 235 31.65 23.02 8.33
CA VAL B 235 31.43 21.78 7.66
C VAL B 235 30.08 21.90 6.97
N PRO B 236 30.02 21.63 5.65
CA PRO B 236 28.76 21.60 4.91
C PRO B 236 27.67 20.82 5.66
N ALA B 237 26.53 21.44 5.82
CA ALA B 237 25.44 20.89 6.62
C ALA B 237 25.02 19.48 6.18
N LEU B 238 24.83 19.26 4.88
CA LEU B 238 24.40 17.98 4.39
C LEU B 238 25.40 16.86 4.76
N SER B 239 26.67 17.16 4.55
CA SER B 239 27.76 16.23 4.82
C SER B 239 27.72 15.84 6.27
N ARG B 240 27.66 16.85 7.16
CA ARG B 240 27.68 16.61 8.60
C ARG B 240 26.41 15.96 9.15
N LEU B 241 25.25 16.35 8.62
CA LEU B 241 24.00 15.69 8.97
C LEU B 241 24.10 14.19 8.67
N LEU B 242 24.60 13.86 7.47
CA LEU B 242 24.65 12.46 7.09
C LEU B 242 25.54 11.68 8.02
N GLU B 243 26.64 12.30 8.46
CA GLU B 243 27.52 11.65 9.46
C GLU B 243 26.79 11.46 10.77
N LEU B 244 26.10 12.50 11.23
CA LEU B 244 25.40 12.43 12.50
C LEU B 244 24.37 11.31 12.46
N LEU B 245 23.61 11.24 11.38
CA LEU B 245 22.56 10.24 11.31
C LEU B 245 23.17 8.86 11.29
N GLU B 246 24.28 8.73 10.61
CA GLU B 246 24.92 7.43 10.53
C GLU B 246 25.39 7.00 11.89
N GLU B 247 25.87 7.94 12.70
CA GLU B 247 26.30 7.64 14.09
C GLU B 247 25.15 7.25 15.02
N GLY B 248 23.90 7.45 14.58
CA GLY B 248 22.72 7.15 15.34
C GLY B 248 22.16 8.33 16.11
N GLN B 249 22.71 9.52 15.90
CA GLN B 249 22.19 10.73 16.51
C GLN B 249 20.84 11.09 15.90
N ARG B 250 19.94 11.56 16.75
CA ARG B 250 18.63 11.95 16.29
C ARG B 250 18.21 13.19 17.05
N LEU B 251 17.13 13.80 16.59
CA LEU B 251 16.55 14.93 17.30
C LEU B 251 16.13 14.53 18.72
N PRO B 252 16.29 15.45 19.70
CA PRO B 252 15.88 15.16 21.08
C PRO B 252 14.36 15.06 21.28
N ALA B 253 13.94 14.35 22.32
CA ALA B 253 12.54 14.35 22.72
C ALA B 253 12.09 15.76 23.13
N PRO B 254 11.01 16.30 22.51
CA PRO B 254 10.48 17.56 23.07
C PRO B 254 9.89 17.38 24.49
N PRO B 255 9.99 18.40 25.35
CA PRO B 255 9.28 18.38 26.68
C PRO B 255 7.78 18.05 26.63
N ALA B 256 7.05 18.53 25.61
CA ALA B 256 5.58 18.25 25.47
C ALA B 256 5.26 16.85 24.97
N CYS B 257 6.31 16.14 24.58
CA CYS B 257 6.15 14.91 23.89
C CYS B 257 6.00 13.83 24.94
N PRO B 258 4.83 13.16 24.99
CA PRO B 258 4.69 11.88 25.72
C PRO B 258 5.73 10.86 25.29
N ALA B 259 6.14 10.02 26.22
CA ALA B 259 7.18 9.01 25.91
C ALA B 259 6.80 8.14 24.71
N GLU B 260 5.53 7.79 24.59
CA GLU B 260 5.08 6.92 23.52
C GLU B 260 5.28 7.56 22.15
N VAL B 261 5.09 8.87 22.09
CA VAL B 261 5.29 9.61 20.85
C VAL B 261 6.77 9.72 20.49
N HIS B 262 7.64 9.90 21.50
CA HIS B 262 9.06 9.88 21.25
C HIS B 262 9.50 8.53 20.70
N GLU B 263 8.96 7.46 21.28
CA GLU B 263 9.22 6.12 20.76
C GLU B 263 8.81 5.98 19.28
N LEU B 264 7.65 6.52 18.92
CA LEU B 264 7.21 6.46 17.52
C LEU B 264 8.12 7.27 16.60
N MET B 265 8.56 8.48 17.00
CA MET B 265 9.58 9.24 16.22
C MET B 265 10.82 8.44 15.99
N LYS B 266 11.35 7.84 17.05
CA LYS B 266 12.56 7.02 16.90
C LYS B 266 12.36 5.91 15.88
N LEU B 267 11.24 5.23 15.94
CA LEU B 267 10.93 4.16 14.98
C LEU B 267 10.81 4.69 13.55
N CYS B 268 10.22 5.87 13.37
CA CYS B 268 10.18 6.55 12.08
C CYS B 268 11.56 6.84 11.55
N TRP B 269 12.52 6.99 12.46
CA TRP B 269 13.87 7.28 12.04
C TRP B 269 14.81 6.12 12.04
N ALA B 270 14.28 4.90 11.96
CA ALA B 270 15.12 3.69 11.82
C ALA B 270 16.06 3.87 10.62
N PRO B 271 17.35 3.45 10.76
CA PRO B 271 18.31 3.66 9.67
C PRO B 271 17.83 2.99 8.39
N SER B 272 17.43 1.73 8.51
CA SER B 272 16.91 0.97 7.37
C SER B 272 15.46 1.28 7.12
N PRO B 273 15.11 1.63 5.87
CA PRO B 273 13.70 1.89 5.53
C PRO B 273 12.76 0.75 5.81
N GLN B 274 13.23 -0.50 5.67
CA GLN B 274 12.38 -1.63 5.98
C GLN B 274 12.16 -1.84 7.47
N ASP B 275 12.89 -1.16 8.35
CA ASP B 275 12.65 -1.23 9.79
C ASP B 275 11.72 -0.19 10.33
N ARG B 276 11.27 0.69 9.44
CA ARG B 276 10.40 1.78 9.81
C ARG B 276 8.99 1.28 9.79
N PRO B 277 8.14 1.74 10.69
CA PRO B 277 6.75 1.29 10.65
C PRO B 277 6.03 1.91 9.48
N SER B 278 4.99 1.24 8.99
CA SER B 278 4.15 1.83 7.97
C SER B 278 3.25 2.86 8.63
N PHE B 279 2.65 3.72 7.82
CA PHE B 279 1.64 4.61 8.37
C PHE B 279 0.48 3.80 8.94
N SER B 280 0.15 2.64 8.36
CA SER B 280 -0.93 1.81 8.85
C SER B 280 -0.66 1.25 10.22
N ALA B 281 0.62 1.04 10.56
CA ALA B 281 1.02 0.69 11.93
C ALA B 281 1.07 1.83 12.91
N LEU B 282 1.55 2.98 12.48
CA LEU B 282 1.60 4.17 13.30
C LEU B 282 0.21 4.70 13.65
N GLY B 283 -0.73 4.65 12.71
CA GLY B 283 -2.06 5.26 12.91
C GLY B 283 -2.78 4.75 14.14
N PRO B 284 -2.92 3.41 14.29
CA PRO B 284 -3.57 2.90 15.50
C PRO B 284 -2.92 3.35 16.79
N GLN B 285 -1.59 3.46 16.82
CA GLN B 285 -0.90 3.89 18.03
C GLN B 285 -1.28 5.32 18.33
N LEU B 286 -1.22 6.19 17.31
CA LEU B 286 -1.57 7.56 17.53
C LEU B 286 -3.06 7.70 17.85
N ASP B 287 -3.90 6.87 17.21
CA ASP B 287 -5.35 6.88 17.49
C ASP B 287 -5.60 6.48 18.93
N MET B 288 -4.90 5.46 19.44
CA MET B 288 -5.02 5.05 20.86
C MET B 288 -4.61 6.15 21.84
N LEU B 289 -3.49 6.79 21.55
CA LEU B 289 -2.99 7.90 22.35
C LEU B 289 -3.92 9.10 22.29
N TRP B 290 -4.36 9.48 21.08
CA TRP B 290 -5.35 10.56 20.95
C TRP B 290 -6.63 10.21 21.75
N SER B 291 -7.32 9.12 21.38
CA SER B 291 -8.55 8.68 22.04
C SER B 291 -8.40 8.55 23.55
N GLY B 292 -7.25 8.08 24.02
CA GLY B 292 -6.97 7.94 25.46
C GLY B 292 -6.76 9.22 26.26
N SER B 293 -6.38 10.29 25.58
CA SER B 293 -6.11 11.58 26.20
C SER B 293 -7.30 12.55 26.06
N ARG B 294 -8.41 12.11 25.47
CA ARG B 294 -9.56 12.97 25.29
C ARG B 294 -10.08 13.35 26.66
#